data_6JB4
#
_entry.id   6JB4
#
_cell.length_a   85.130
_cell.length_b   85.130
_cell.length_c   145.540
_cell.angle_alpha   90.000
_cell.angle_beta   90.000
_cell.angle_gamma   90.000
#
_symmetry.space_group_name_H-M   'P 41 21 2'
#
loop_
_entity.id
_entity.type
_entity.pdbx_description
1 polymer 'ABC transporter, periplasmic substrate-binding protein'
2 branched alpha-D-glucopyranose-(1-4)-alpha-D-glucopyranose
3 non-polymer 'CITRIC ACID'
4 non-polymer GLYCEROL
5 non-polymer 1,2-ETHANEDIOL
6 non-polymer 'CARBON DIOXIDE'
7 water water
#
_entity_poly.entity_id   1
_entity_poly.type   'polypeptide(L)'
_entity_poly.pdbx_seq_one_letter_code
;QSGPVIRVAGDSTAVGEGGRWMKEMVEAWGKKTGTRVEYIDSPADTNDRLALYQQYWAARSPDVDVYMIDVIWPGIVAPH
ALDLKPYLTEAELKEFFPRIVQNNTIRGKLTSLPFFTDAGILYYRKDLLEKYGYTSPPRTWNELEQMAERVMEGERRAGN
RDFWGFVFQGKPYEGLTCDALEWIYSHGGGRIVEPDGTISVNNGRAALALNRAHGWVGRIAPQGVTSYAEEEARNVWQQG
NSLFMRNWPYAYALGQAEGSPIRGKFGVTVLPKASADAPNAATLGGAQLMVSAYSRYPKEAVDLVKYLASYEVQKDNAVR
LSRLPTRPALYTDRDVLARNPWFRDLLPVFQNAVSRPSDVAGARYNQVSEAIWTEVHSVLTGRKKGEQAVRDLEARIRRI
LRHHHHHH
;
_entity_poly.pdbx_strand_id   A
#
loop_
_chem_comp.id
_chem_comp.type
_chem_comp.name
_chem_comp.formula
CIT non-polymer 'CITRIC ACID' 'C6 H8 O7'
CO2 non-polymer 'CARBON DIOXIDE' 'C O2'
EDO non-polymer 1,2-ETHANEDIOL 'C2 H6 O2'
GLC D-saccharide, alpha linking alpha-D-glucopyranose 'C6 H12 O6'
GOL non-polymer GLYCEROL 'C3 H8 O3'
#
# COMPACT_ATOMS: atom_id res chain seq x y z
N GLY A 3 -12.11 29.22 -19.39
CA GLY A 3 -10.85 28.51 -19.77
C GLY A 3 -11.00 27.02 -19.52
N PRO A 4 -9.92 26.24 -19.67
CA PRO A 4 -10.06 24.79 -19.48
C PRO A 4 -10.54 24.38 -18.07
N VAL A 5 -11.12 23.18 -18.00
CA VAL A 5 -11.45 22.57 -16.71
C VAL A 5 -10.52 21.38 -16.58
N ILE A 6 -9.67 21.37 -15.54
CA ILE A 6 -8.70 20.28 -15.39
C ILE A 6 -9.34 19.28 -14.41
N ARG A 7 -9.46 18.03 -14.83
CA ARG A 7 -10.26 17.05 -14.14
C ARG A 7 -9.29 15.96 -13.62
N VAL A 8 -9.45 15.62 -12.35
CA VAL A 8 -8.49 14.72 -11.68
C VAL A 8 -9.23 13.50 -11.12
N ALA A 9 -8.72 12.32 -11.42
CA ALA A 9 -9.17 11.09 -10.75
C ALA A 9 -8.04 10.59 -9.89
N GLY A 10 -8.23 10.55 -8.59
CA GLY A 10 -7.06 10.00 -7.80
C GLY A 10 -7.39 9.78 -6.34
N ASP A 11 -7.04 8.64 -5.79
CA ASP A 11 -7.40 8.33 -4.42
C ASP A 11 -8.87 8.19 -4.27
N SER A 12 -9.29 7.88 -3.08
CA SER A 12 -10.68 7.55 -2.87
C SER A 12 -11.19 8.15 -1.57
N THR A 13 -12.41 8.71 -1.60
CA THR A 13 -13.03 9.16 -0.36
C THR A 13 -13.51 8.05 0.50
N ALA A 14 -13.45 6.82 0.02
CA ALA A 14 -13.76 5.65 0.81
C ALA A 14 -12.60 5.13 1.65
N VAL A 15 -11.42 5.72 1.56
CA VAL A 15 -10.30 5.34 2.41
C VAL A 15 -9.77 6.52 3.18
N GLY A 16 -10.08 6.55 4.48
CA GLY A 16 -9.58 7.61 5.35
C GLY A 16 -9.90 8.98 4.78
N GLU A 17 -8.89 9.87 4.85
CA GLU A 17 -9.03 11.25 4.42
C GLU A 17 -8.40 11.50 3.06
N GLY A 18 -7.94 10.46 2.37
CA GLY A 18 -7.10 10.71 1.19
C GLY A 18 -7.85 11.36 0.04
N GLY A 19 -9.08 10.93 -0.22
CA GLY A 19 -9.85 11.53 -1.27
C GLY A 19 -10.28 12.95 -0.97
N ARG A 20 -10.72 13.19 0.26
CA ARG A 20 -11.08 14.53 0.66
C ARG A 20 -9.88 15.51 0.56
N TRP A 21 -8.73 15.03 1.04
CA TRP A 21 -7.53 15.83 1.01
C TRP A 21 -7.07 16.07 -0.39
N MET A 22 -7.13 15.08 -1.25
CA MET A 22 -6.68 15.25 -2.61
C MET A 22 -7.57 16.34 -3.32
N LYS A 23 -8.89 16.23 -3.09
CA LYS A 23 -9.78 17.22 -3.71
C LYS A 23 -9.42 18.62 -3.20
N GLU A 24 -9.09 18.71 -1.90
CA GLU A 24 -8.71 20.02 -1.33
C GLU A 24 -7.43 20.59 -1.99
N MET A 25 -6.44 19.69 -2.22
CA MET A 25 -5.24 20.13 -2.86
C MET A 25 -5.45 20.58 -4.28
N VAL A 26 -6.28 19.85 -5.03
CA VAL A 26 -6.56 20.20 -6.40
C VAL A 26 -7.31 21.53 -6.41
N GLU A 27 -8.25 21.71 -5.51
CA GLU A 27 -8.98 23.00 -5.46
C GLU A 27 -8.04 24.14 -5.09
N ALA A 28 -7.04 23.90 -4.25
CA ALA A 28 -6.07 24.94 -3.88
C ALA A 28 -5.27 25.34 -5.10
N TRP A 29 -4.87 24.36 -5.91
CA TRP A 29 -4.14 24.66 -7.12
C TRP A 29 -4.99 25.48 -8.05
N GLY A 30 -6.23 25.09 -8.19
CA GLY A 30 -7.19 25.79 -9.05
C GLY A 30 -7.33 27.27 -8.61
N LYS A 31 -7.45 27.46 -7.32
CA LYS A 31 -7.58 28.82 -6.79
C LYS A 31 -6.29 29.61 -7.01
N LYS A 32 -5.14 28.99 -6.76
CA LYS A 32 -3.85 29.64 -6.90
C LYS A 32 -3.58 30.10 -8.33
N THR A 33 -3.96 29.31 -9.33
CA THR A 33 -3.68 29.55 -10.70
C THR A 33 -4.83 30.16 -11.47
N GLY A 34 -5.98 30.34 -10.85
CA GLY A 34 -7.21 30.73 -11.53
C GLY A 34 -7.63 29.76 -12.62
N THR A 35 -7.60 28.45 -12.30
CA THR A 35 -8.01 27.43 -13.25
C THR A 35 -9.20 26.65 -12.67
N ARG A 36 -10.22 26.40 -13.47
CA ARG A 36 -11.32 25.55 -13.05
C ARG A 36 -10.83 24.10 -12.94
N VAL A 37 -11.35 23.43 -11.93
CA VAL A 37 -10.96 22.03 -11.64
C VAL A 37 -12.15 21.24 -11.23
N GLU A 38 -12.09 19.90 -11.45
CA GLU A 38 -13.09 19.01 -10.95
C GLU A 38 -12.37 17.72 -10.46
N TYR A 39 -12.92 17.13 -9.44
CA TYR A 39 -12.39 15.90 -8.86
C TYR A 39 -13.37 14.79 -9.10
N ILE A 40 -12.88 13.72 -9.67
CA ILE A 40 -13.67 12.50 -9.89
C ILE A 40 -13.23 11.43 -8.90
N ASP A 41 -14.17 11.00 -8.08
CA ASP A 41 -13.92 10.02 -7.02
C ASP A 41 -13.70 8.62 -7.59
N SER A 42 -13.08 7.77 -6.81
CA SER A 42 -12.73 6.38 -7.20
C SER A 42 -13.13 5.41 -6.12
N PRO A 43 -13.27 4.15 -6.45
CA PRO A 43 -13.54 3.11 -5.46
C PRO A 43 -12.30 2.93 -4.57
N ALA A 44 -12.52 2.30 -3.42
CA ALA A 44 -11.43 2.08 -2.45
C ALA A 44 -10.30 1.27 -2.99
N ASP A 45 -10.59 0.12 -3.57
CA ASP A 45 -9.50 -0.85 -3.87
C ASP A 45 -8.78 -0.55 -5.17
N THR A 46 -7.46 -0.60 -5.13
CA THR A 46 -6.70 -0.20 -6.30
C THR A 46 -7.04 -0.99 -7.57
N ASN A 47 -7.32 -2.29 -7.45
CA ASN A 47 -7.63 -3.11 -8.61
C ASN A 47 -8.97 -2.65 -9.22
N ASP A 48 -9.90 -2.17 -8.37
CA ASP A 48 -11.16 -1.59 -8.90
C ASP A 48 -10.92 -0.25 -9.57
N ARG A 49 -10.01 0.55 -8.98
CA ARG A 49 -9.64 1.82 -9.62
C ARG A 49 -9.04 1.58 -10.99
N LEU A 50 -8.18 0.56 -11.11
CA LEU A 50 -7.54 0.30 -12.38
C LEU A 50 -8.59 0.01 -13.43
N ALA A 51 -9.55 -0.85 -13.10
CA ALA A 51 -10.61 -1.23 -14.05
C ALA A 51 -11.39 0.02 -14.46
N LEU A 52 -11.71 0.89 -13.50
CA LEU A 52 -12.40 2.12 -13.80
C LEU A 52 -11.63 2.98 -14.78
N TYR A 53 -10.36 3.24 -14.47
CA TYR A 53 -9.51 4.09 -15.32
C TYR A 53 -9.27 3.49 -16.71
N GLN A 54 -9.22 2.18 -16.78
CA GLN A 54 -9.05 1.52 -18.06
CA GLN A 54 -9.06 1.49 -18.05
C GLN A 54 -10.23 1.78 -18.98
N GLN A 55 -11.41 2.05 -18.43
CA GLN A 55 -12.57 2.41 -19.30
C GLN A 55 -12.28 3.72 -19.97
N TYR A 56 -11.75 4.68 -19.23
CA TYR A 56 -11.43 5.98 -19.84
C TYR A 56 -10.28 5.77 -20.86
N TRP A 57 -9.25 5.02 -20.51
CA TRP A 57 -8.11 4.88 -21.41
C TRP A 57 -8.45 4.18 -22.72
N ALA A 58 -9.25 3.14 -22.63
CA ALA A 58 -9.67 2.36 -23.80
C ALA A 58 -10.41 3.30 -24.74
N ALA A 59 -11.20 4.22 -24.18
CA ALA A 59 -11.95 5.19 -24.97
C ALA A 59 -11.14 6.39 -25.45
N ARG A 60 -9.85 6.48 -25.09
CA ARG A 60 -9.02 7.67 -25.36
C ARG A 60 -9.69 8.92 -24.82
N SER A 61 -10.30 8.76 -23.63
CA SER A 61 -11.22 9.78 -23.18
C SER A 61 -10.47 11.05 -22.70
N PRO A 62 -10.90 12.24 -23.12
CA PRO A 62 -10.32 13.47 -22.62
C PRO A 62 -10.97 13.92 -21.29
N ASP A 63 -11.87 13.09 -20.72
CA ASP A 63 -12.64 13.53 -19.58
C ASP A 63 -11.92 13.49 -18.25
N VAL A 64 -10.69 12.96 -18.22
CA VAL A 64 -9.86 13.06 -17.02
C VAL A 64 -8.47 13.45 -17.51
N ASP A 65 -7.92 14.51 -16.93
CA ASP A 65 -6.60 15.01 -17.28
C ASP A 65 -5.41 14.43 -16.49
N VAL A 66 -5.65 14.10 -15.24
CA VAL A 66 -4.61 13.69 -14.31
C VAL A 66 -5.18 12.50 -13.52
N TYR A 67 -4.39 11.43 -13.42
CA TYR A 67 -4.73 10.23 -12.64
C TYR A 67 -3.70 9.98 -11.57
N MET A 68 -4.15 9.57 -10.38
CA MET A 68 -3.25 9.08 -9.34
C MET A 68 -3.12 7.59 -9.54
N ILE A 69 -1.92 7.10 -9.83
CA ILE A 69 -1.71 5.71 -10.20
C ILE A 69 -0.90 4.95 -9.16
N ASP A 70 -1.14 3.65 -9.02
CA ASP A 70 -0.43 2.83 -8.03
C ASP A 70 1.02 2.54 -8.54
N VAL A 71 1.95 2.32 -7.59
CA VAL A 71 3.33 2.02 -7.89
C VAL A 71 3.48 0.80 -8.79
N ILE A 72 2.52 -0.13 -8.72
CA ILE A 72 2.50 -1.38 -9.50
C ILE A 72 2.02 -1.16 -10.96
N TRP A 73 1.58 0.06 -11.30
CA TRP A 73 0.95 0.28 -12.58
C TRP A 73 1.77 0.80 -13.79
N PRO A 74 2.92 1.41 -13.61
CA PRO A 74 3.56 2.04 -14.80
C PRO A 74 3.68 1.11 -16.00
N GLY A 75 4.05 -0.15 -15.81
CA GLY A 75 4.16 -1.03 -16.93
C GLY A 75 2.87 -1.30 -17.67
N ILE A 76 1.76 -1.30 -16.95
CA ILE A 76 0.41 -1.40 -17.54
C ILE A 76 0.00 -0.13 -18.24
N VAL A 77 0.18 1.01 -17.59
CA VAL A 77 -0.46 2.25 -18.03
C VAL A 77 0.36 3.12 -18.95
N ALA A 78 1.63 2.75 -19.20
CA ALA A 78 2.51 3.62 -19.97
C ALA A 78 1.96 4.19 -21.29
N PRO A 79 1.24 3.40 -22.07
CA PRO A 79 0.69 3.95 -23.33
C PRO A 79 -0.26 5.08 -23.10
N HIS A 80 -0.86 5.11 -21.91
CA HIS A 80 -1.90 6.09 -21.58
C HIS A 80 -1.35 7.32 -20.83
N ALA A 81 -0.02 7.35 -20.64
CA ALA A 81 0.63 8.42 -19.92
C ALA A 81 1.37 9.35 -20.88
N LEU A 82 1.27 10.63 -20.61
CA LEU A 82 2.17 11.63 -21.24
C LEU A 82 3.54 11.54 -20.63
N ASP A 83 4.57 11.44 -21.50
CA ASP A 83 5.95 11.41 -21.01
C ASP A 83 6.27 12.73 -20.36
N LEU A 84 6.60 12.67 -19.08
CA LEU A 84 6.90 13.88 -18.32
C LEU A 84 8.36 14.28 -18.46
N LYS A 85 9.19 13.43 -19.02
CA LYS A 85 10.64 13.69 -18.94
C LYS A 85 10.99 15.02 -19.54
N PRO A 86 10.40 15.40 -20.68
CA PRO A 86 10.75 16.73 -21.26
C PRO A 86 10.30 17.94 -20.46
N TYR A 87 9.43 17.71 -19.45
CA TYR A 87 8.86 18.75 -18.64
C TYR A 87 9.59 19.08 -17.32
N LEU A 88 10.51 18.20 -16.93
CA LEU A 88 11.26 18.32 -15.71
C LEU A 88 12.75 18.46 -16.02
N THR A 89 13.43 19.33 -15.29
CA THR A 89 14.92 19.29 -15.37
C THR A 89 15.51 18.13 -14.61
N GLU A 90 16.79 17.80 -14.87
CA GLU A 90 17.44 16.71 -14.16
C GLU A 90 17.46 17.08 -12.67
N ALA A 91 17.66 18.35 -12.35
CA ALA A 91 17.74 18.72 -10.95
C ALA A 91 16.35 18.53 -10.25
N GLU A 92 15.27 18.91 -10.93
CA GLU A 92 13.92 18.69 -10.35
C GLU A 92 13.63 17.21 -10.08
N LEU A 93 14.06 16.36 -10.99
CA LEU A 93 13.80 14.92 -10.88
C LEU A 93 14.64 14.30 -9.81
N LYS A 94 15.84 14.87 -9.54
CA LYS A 94 16.66 14.30 -8.53
C LYS A 94 16.20 14.59 -7.10
N GLU A 95 15.22 15.48 -6.94
CA GLU A 95 14.65 15.74 -5.62
C GLU A 95 13.77 14.56 -5.15
N PHE A 96 13.41 13.64 -6.05
CA PHE A 96 12.65 12.46 -5.64
C PHE A 96 13.58 11.27 -5.41
N PHE A 97 13.13 10.23 -4.72
CA PHE A 97 13.90 9.05 -4.55
C PHE A 97 14.18 8.44 -5.93
N PRO A 98 15.44 8.18 -6.24
CA PRO A 98 15.70 7.61 -7.58
C PRO A 98 15.05 6.24 -7.85
N ARG A 99 14.85 5.39 -6.86
CA ARG A 99 14.24 4.06 -7.06
C ARG A 99 12.79 4.30 -7.60
N ILE A 100 12.10 5.30 -7.09
CA ILE A 100 10.69 5.52 -7.49
C ILE A 100 10.64 6.16 -8.89
N VAL A 101 11.55 7.08 -9.19
CA VAL A 101 11.59 7.64 -10.54
C VAL A 101 11.88 6.49 -11.52
N GLN A 102 12.79 5.58 -11.14
CA GLN A 102 13.09 4.41 -11.97
C GLN A 102 11.86 3.53 -12.19
N ASN A 103 11.15 3.26 -11.10
CA ASN A 103 9.94 2.47 -11.19
C ASN A 103 8.96 3.08 -12.18
N ASN A 104 8.88 4.41 -12.19
CA ASN A 104 7.88 5.12 -12.99
C ASN A 104 8.31 5.30 -14.44
N THR A 105 9.54 4.95 -14.74
CA THR A 105 10.10 5.08 -16.08
C THR A 105 10.03 3.77 -16.82
N ILE A 106 9.30 3.77 -17.95
CA ILE A 106 9.06 2.54 -18.72
C ILE A 106 9.51 2.83 -20.17
N ARG A 107 10.51 2.11 -20.58
CA ARG A 107 11.06 2.28 -21.98
C ARG A 107 11.35 3.75 -22.24
N GLY A 108 11.97 4.37 -21.22
CA GLY A 108 12.33 5.79 -21.28
C GLY A 108 11.33 6.83 -20.99
N LYS A 109 10.06 6.43 -20.96
CA LYS A 109 9.00 7.34 -20.70
C LYS A 109 8.87 7.54 -19.20
N LEU A 110 8.99 8.75 -18.73
CA LEU A 110 8.61 9.06 -17.33
C LEU A 110 7.11 9.13 -17.27
N THR A 111 6.54 8.04 -16.79
CA THR A 111 5.07 7.94 -16.83
C THR A 111 4.36 8.83 -15.84
N SER A 112 5.03 9.19 -14.77
CA SER A 112 4.37 9.82 -13.63
C SER A 112 5.37 10.31 -12.62
N LEU A 113 4.96 11.33 -11.87
CA LEU A 113 5.85 11.82 -10.82
C LEU A 113 5.54 11.09 -9.50
N PRO A 114 6.57 10.73 -8.72
CA PRO A 114 6.36 10.15 -7.39
C PRO A 114 5.57 11.09 -6.47
N PHE A 115 4.57 10.58 -5.77
CA PHE A 115 3.72 11.41 -4.97
C PHE A 115 3.88 11.06 -3.53
N PHE A 116 3.41 9.88 -3.14
CA PHE A 116 3.72 9.33 -1.79
C PHE A 116 4.15 7.90 -1.90
N THR A 117 5.05 7.46 -1.00
CA THR A 117 5.47 6.08 -0.94
C THR A 117 4.72 5.34 0.19
N ASP A 118 5.03 4.09 0.42
CA ASP A 118 4.19 3.31 1.35
C ASP A 118 4.97 2.04 1.65
N ALA A 119 4.75 1.49 2.83
CA ALA A 119 5.33 0.23 3.22
C ALA A 119 4.41 -0.38 4.28
N GLY A 120 4.19 -1.69 4.24
CA GLY A 120 3.44 -2.37 5.27
C GLY A 120 4.15 -2.34 6.60
N ILE A 121 3.44 -2.01 7.69
CA ILE A 121 4.03 -1.94 9.01
C ILE A 121 3.06 -2.56 10.06
N LEU A 122 3.63 -2.90 11.20
CA LEU A 122 2.87 -3.44 12.34
C LEU A 122 2.50 -2.31 13.27
N TYR A 123 1.18 -2.14 13.40
CA TYR A 123 0.57 -1.30 14.45
C TYR A 123 0.34 -2.16 15.70
N TYR A 124 0.62 -1.60 16.89
CA TYR A 124 0.44 -2.37 18.14
C TYR A 124 -0.04 -1.46 19.28
N ARG A 125 -0.89 -2.05 20.14
CA ARG A 125 -1.41 -1.32 21.26
C ARG A 125 -0.37 -1.41 22.40
N LYS A 126 0.28 -0.30 22.68
CA LYS A 126 1.34 -0.23 23.70
C LYS A 126 0.78 -0.38 25.10
N ASP A 127 -0.42 0.13 25.28
CA ASP A 127 -1.10 0.06 26.57
C ASP A 127 -1.41 -1.36 26.92
N LEU A 128 -1.87 -2.14 25.93
CA LEU A 128 -2.13 -3.53 26.17
C LEU A 128 -0.90 -4.38 26.34
N LEU A 129 0.17 -4.11 25.58
CA LEU A 129 1.41 -4.85 25.77
C LEU A 129 1.91 -4.66 27.23
N GLU A 130 1.88 -3.42 27.68
CA GLU A 130 2.30 -3.10 29.10
C GLU A 130 1.39 -3.82 30.10
N LYS A 131 0.08 -3.78 29.87
CA LYS A 131 -0.86 -4.42 30.77
C LYS A 131 -0.60 -5.91 30.95
N TYR A 132 -0.13 -6.59 29.90
CA TYR A 132 0.06 -7.98 29.90
C TYR A 132 1.54 -8.41 30.07
N GLY A 133 2.38 -7.46 30.44
CA GLY A 133 3.76 -7.75 30.85
C GLY A 133 4.76 -7.80 29.72
N TYR A 134 4.39 -7.30 28.53
CA TYR A 134 5.30 -7.30 27.40
C TYR A 134 5.99 -5.92 27.27
N THR A 135 7.29 -5.94 27.02
CA THR A 135 8.09 -4.73 26.95
C THR A 135 8.36 -4.27 25.54
N SER A 136 8.21 -5.14 24.55
CA SER A 136 8.52 -4.77 23.16
C SER A 136 7.49 -5.44 22.27
N PRO A 137 7.25 -4.84 21.11
CA PRO A 137 6.37 -5.54 20.15
C PRO A 137 7.01 -6.80 19.61
N PRO A 138 6.22 -7.74 19.09
CA PRO A 138 6.79 -9.01 18.65
C PRO A 138 7.74 -8.89 17.47
N ARG A 139 8.86 -9.62 17.54
CA ARG A 139 9.79 -9.72 16.43
C ARG A 139 9.61 -10.91 15.55
N THR A 140 8.95 -11.95 16.04
CA THR A 140 8.72 -13.16 15.27
C THR A 140 7.18 -13.38 15.16
N TRP A 141 6.76 -14.08 14.12
CA TRP A 141 5.34 -14.41 14.02
C TRP A 141 4.90 -15.28 15.19
N ASN A 142 5.78 -16.19 15.66
CA ASN A 142 5.32 -16.98 16.81
C ASN A 142 5.10 -16.04 18.02
N GLU A 143 5.96 -15.07 18.28
CA GLU A 143 5.73 -14.11 19.38
C GLU A 143 4.43 -13.36 19.21
N LEU A 144 4.14 -12.96 17.96
CA LEU A 144 2.89 -12.27 17.70
C LEU A 144 1.67 -13.12 18.08
N GLU A 145 1.73 -14.39 17.74
CA GLU A 145 0.62 -15.34 18.04
C GLU A 145 0.50 -15.52 19.55
N GLN A 146 1.64 -15.67 20.23
CA GLN A 146 1.60 -15.88 21.68
C GLN A 146 1.03 -14.67 22.43
N MET A 147 1.48 -13.46 22.03
CA MET A 147 0.98 -12.21 22.64
C MET A 147 -0.52 -12.07 22.36
N ALA A 148 -0.92 -12.30 21.11
CA ALA A 148 -2.32 -12.16 20.73
C ALA A 148 -3.20 -13.12 21.54
N GLU A 149 -2.78 -14.37 21.66
CA GLU A 149 -3.59 -15.36 22.42
C GLU A 149 -3.72 -14.88 23.89
N ARG A 150 -2.64 -14.42 24.50
CA ARG A 150 -2.71 -14.02 25.90
C ARG A 150 -3.56 -12.79 26.12
N VAL A 151 -3.36 -11.75 25.31
CA VAL A 151 -4.09 -10.54 25.48
C VAL A 151 -5.57 -10.75 25.14
N MET A 152 -5.84 -11.52 24.09
CA MET A 152 -7.24 -11.87 23.77
C MET A 152 -7.95 -12.57 24.93
N GLU A 153 -7.31 -13.57 25.48
CA GLU A 153 -7.88 -14.33 26.64
C GLU A 153 -8.27 -13.35 27.73
N GLY A 154 -7.36 -12.41 28.00
CA GLY A 154 -7.60 -11.46 29.09
C GLY A 154 -8.67 -10.42 28.83
N GLU A 155 -8.65 -9.84 27.64
CA GLU A 155 -9.61 -8.82 27.29
C GLU A 155 -11.00 -9.41 27.12
N ARG A 156 -11.09 -10.66 26.66
CA ARG A 156 -12.39 -11.31 26.49
C ARG A 156 -12.93 -11.57 27.90
N ARG A 157 -12.09 -12.01 28.81
CA ARG A 157 -12.53 -12.39 30.16
C ARG A 157 -13.02 -11.14 30.88
N ALA A 158 -12.43 -10.00 30.56
CA ALA A 158 -12.82 -8.73 31.09
C ALA A 158 -14.05 -8.15 30.47
N GLY A 159 -14.60 -8.84 29.48
CA GLY A 159 -15.87 -8.46 28.92
C GLY A 159 -15.90 -7.78 27.58
N ASN A 160 -14.74 -7.65 26.88
CA ASN A 160 -14.79 -7.06 25.57
C ASN A 160 -14.97 -8.22 24.57
N ARG A 161 -16.22 -8.50 24.21
CA ARG A 161 -16.48 -9.60 23.27
C ARG A 161 -16.09 -9.24 21.81
N ASP A 162 -15.81 -7.98 21.53
CA ASP A 162 -15.41 -7.51 20.22
C ASP A 162 -13.86 -7.64 19.99
N PHE A 163 -13.13 -8.06 21.01
CA PHE A 163 -11.63 -7.98 21.00
C PHE A 163 -10.99 -9.15 20.25
N TRP A 164 -10.07 -8.78 19.35
CA TRP A 164 -9.25 -9.69 18.60
C TRP A 164 -7.73 -9.40 18.77
N GLY A 165 -6.92 -10.39 18.42
CA GLY A 165 -5.48 -10.24 18.50
C GLY A 165 -4.85 -9.54 17.31
N PHE A 166 -5.38 -9.78 16.13
CA PHE A 166 -4.71 -9.33 14.90
C PHE A 166 -5.73 -9.12 13.80
N VAL A 167 -5.62 -7.98 13.09
CA VAL A 167 -6.40 -7.75 11.89
C VAL A 167 -5.46 -7.36 10.76
N PHE A 168 -5.87 -7.66 9.56
CA PHE A 168 -5.06 -7.50 8.36
C PHE A 168 -5.97 -7.50 7.15
N GLN A 169 -5.39 -7.44 5.94
CA GLN A 169 -6.21 -7.41 4.75
C GLN A 169 -6.27 -8.82 4.14
N GLY A 170 -7.39 -9.50 4.35
CA GLY A 170 -7.57 -10.82 3.77
C GLY A 170 -8.63 -10.96 2.70
N LYS A 171 -9.24 -9.83 2.27
CA LYS A 171 -10.12 -9.82 1.12
C LYS A 171 -9.37 -10.26 -0.16
N PRO A 172 -10.09 -10.83 -1.14
CA PRO A 172 -9.43 -11.18 -2.42
C PRO A 172 -9.33 -9.98 -3.32
N TYR A 173 -8.21 -9.26 -3.22
CA TYR A 173 -7.92 -8.05 -3.99
C TYR A 173 -6.44 -7.71 -3.81
N GLU A 174 -5.99 -6.62 -4.42
CA GLU A 174 -4.58 -6.30 -4.46
C GLU A 174 -3.98 -6.21 -3.06
N GLY A 175 -4.72 -5.71 -2.07
CA GLY A 175 -4.20 -5.66 -0.71
C GLY A 175 -3.77 -6.97 -0.14
N LEU A 176 -4.44 -8.06 -0.51
CA LEU A 176 -4.01 -9.39 -0.07
C LEU A 176 -2.68 -9.81 -0.75
N THR A 177 -2.49 -9.45 -2.02
CA THR A 177 -1.17 -9.68 -2.60
C THR A 177 -0.11 -9.00 -1.79
N CYS A 178 -0.40 -7.77 -1.30
CA CYS A 178 0.58 -7.14 -0.44
C CYS A 178 0.83 -7.85 0.87
N ASP A 179 -0.23 -8.24 1.56
CA ASP A 179 -0.06 -8.93 2.80
C ASP A 179 0.67 -10.26 2.63
N ALA A 180 0.35 -10.96 1.57
CA ALA A 180 0.89 -12.28 1.32
C ALA A 180 2.37 -12.22 0.94
N LEU A 181 2.74 -11.20 0.17
CA LEU A 181 4.18 -11.08 -0.13
C LEU A 181 4.92 -10.94 1.18
N GLU A 182 4.40 -10.09 2.11
CA GLU A 182 5.08 -9.94 3.40
C GLU A 182 5.18 -11.29 4.14
N TRP A 183 4.08 -12.07 4.15
CA TRP A 183 4.15 -13.38 4.82
C TRP A 183 5.21 -14.27 4.20
N ILE A 184 5.19 -14.38 2.90
CA ILE A 184 6.06 -15.29 2.16
C ILE A 184 7.51 -14.84 2.33
N TYR A 185 7.78 -13.57 2.08
CA TYR A 185 9.17 -13.05 2.12
C TYR A 185 9.75 -13.14 3.51
N SER A 186 8.93 -12.88 4.55
CA SER A 186 9.39 -12.92 5.96
C SER A 186 9.57 -14.36 6.50
N HIS A 187 9.17 -15.35 5.72
CA HIS A 187 9.43 -16.77 6.07
C HIS A 187 10.63 -17.28 5.25
N GLY A 188 11.32 -16.40 4.51
CA GLY A 188 12.39 -16.82 3.60
C GLY A 188 11.94 -17.57 2.37
N GLY A 189 10.67 -17.33 2.00
CA GLY A 189 10.07 -17.93 0.85
C GLY A 189 10.18 -17.24 -0.47
N GLY A 190 10.87 -16.11 -0.52
CA GLY A 190 11.13 -15.36 -1.77
C GLY A 190 10.04 -14.35 -2.10
N ARG A 191 10.09 -13.90 -3.34
CA ARG A 191 9.34 -12.77 -3.86
C ARG A 191 8.16 -13.12 -4.76
N ILE A 192 7.80 -14.41 -4.77
CA ILE A 192 6.74 -15.00 -5.56
C ILE A 192 7.19 -15.16 -7.01
N VAL A 193 7.50 -14.06 -7.69
CA VAL A 193 8.21 -14.05 -8.94
C VAL A 193 9.40 -13.17 -8.75
N GLU A 194 10.61 -13.75 -8.92
CA GLU A 194 11.78 -13.00 -8.67
C GLU A 194 12.07 -11.98 -9.79
N PRO A 195 12.85 -10.96 -9.48
CA PRO A 195 13.17 -9.95 -10.50
C PRO A 195 13.73 -10.50 -11.78
N ASP A 196 14.41 -11.65 -11.72
CA ASP A 196 14.95 -12.30 -12.89
C ASP A 196 13.97 -13.10 -13.73
N GLY A 197 12.72 -13.18 -13.25
CA GLY A 197 11.73 -13.94 -13.89
C GLY A 197 11.38 -15.29 -13.32
N THR A 198 12.27 -15.80 -12.44
CA THR A 198 12.05 -17.13 -11.87
C THR A 198 10.78 -17.09 -11.02
N ILE A 199 9.88 -18.03 -11.29
CA ILE A 199 8.69 -18.19 -10.49
C ILE A 199 9.06 -19.09 -9.32
N SER A 200 9.22 -18.51 -8.15
CA SER A 200 9.88 -19.23 -7.05
C SER A 200 8.96 -19.72 -5.96
N VAL A 201 7.66 -19.35 -6.08
CA VAL A 201 6.72 -19.47 -4.95
C VAL A 201 6.46 -20.92 -4.49
N ASN A 202 6.68 -21.92 -5.37
CA ASN A 202 6.38 -23.31 -4.98
C ASN A 202 7.59 -23.81 -4.15
N ASN A 203 7.60 -23.49 -2.88
CA ASN A 203 8.61 -23.90 -1.93
C ASN A 203 7.94 -24.04 -0.55
N GLY A 204 8.60 -24.76 0.34
CA GLY A 204 7.96 -25.07 1.63
C GLY A 204 7.90 -23.88 2.54
N ARG A 205 8.79 -22.89 2.38
CA ARG A 205 8.76 -21.71 3.24
C ARG A 205 7.49 -20.86 2.88
N ALA A 206 7.26 -20.71 1.60
CA ALA A 206 6.05 -20.01 1.10
C ALA A 206 4.81 -20.76 1.59
N ALA A 207 4.82 -22.08 1.47
CA ALA A 207 3.67 -22.85 1.91
C ALA A 207 3.43 -22.70 3.37
N LEU A 208 4.46 -22.72 4.20
CA LEU A 208 4.33 -22.53 5.61
C LEU A 208 3.76 -21.15 5.96
N ALA A 209 4.26 -20.11 5.30
CA ALA A 209 3.77 -18.75 5.51
C ALA A 209 2.24 -18.74 5.30
N LEU A 210 1.75 -19.37 4.26
CA LEU A 210 0.30 -19.32 3.98
C LEU A 210 -0.51 -20.17 5.00
N ASN A 211 0.02 -21.35 5.34
CA ASN A 211 -0.63 -22.13 6.41
C ASN A 211 -0.69 -21.38 7.73
N ARG A 212 0.40 -20.68 8.10
CA ARG A 212 0.41 -19.87 9.30
C ARG A 212 -0.71 -18.86 9.26
N ALA A 213 -0.86 -18.17 8.14
CA ALA A 213 -1.90 -17.11 8.01
C ALA A 213 -3.29 -17.74 8.15
N HIS A 214 -3.51 -18.88 7.52
CA HIS A 214 -4.78 -19.63 7.72
C HIS A 214 -5.05 -19.88 9.17
N GLY A 215 -4.02 -20.24 9.89
CA GLY A 215 -4.20 -20.59 11.30
C GLY A 215 -4.63 -19.43 12.17
N TRP A 216 -4.39 -18.20 11.72
CA TRP A 216 -4.89 -17.06 12.47
C TRP A 216 -6.45 -16.88 12.37
N VAL A 217 -7.02 -17.32 11.25
CA VAL A 217 -8.42 -16.94 10.88
C VAL A 217 -9.41 -17.67 11.83
N GLY A 218 -10.16 -16.83 12.51
CA GLY A 218 -11.09 -17.31 13.50
C GLY A 218 -10.50 -17.65 14.80
N ARG A 219 -9.23 -17.38 14.99
CA ARG A 219 -8.49 -17.75 16.18
C ARG A 219 -7.96 -16.51 16.80
N ILE A 220 -6.87 -15.92 16.30
CA ILE A 220 -6.51 -14.56 16.71
C ILE A 220 -7.04 -13.40 15.86
N ALA A 221 -7.48 -13.72 14.63
CA ALA A 221 -8.12 -12.79 13.73
C ALA A 221 -9.56 -13.19 13.51
N PRO A 222 -10.41 -12.20 13.22
CA PRO A 222 -11.85 -12.53 13.03
C PRO A 222 -12.02 -13.49 11.89
N GLN A 223 -13.07 -14.34 11.93
CA GLN A 223 -13.42 -15.13 10.78
C GLN A 223 -13.62 -14.24 9.56
N GLY A 224 -14.19 -13.06 9.76
CA GLY A 224 -14.51 -12.16 8.65
C GLY A 224 -13.30 -11.48 8.03
N VAL A 225 -12.07 -11.75 8.58
CA VAL A 225 -10.85 -11.07 8.02
C VAL A 225 -10.67 -11.42 6.55
N THR A 226 -11.27 -12.53 6.07
CA THR A 226 -11.21 -12.89 4.68
C THR A 226 -12.06 -12.01 3.75
N SER A 227 -12.70 -10.98 4.33
CA SER A 227 -13.40 -9.96 3.57
CA SER A 227 -13.37 -9.94 3.55
C SER A 227 -12.83 -8.55 3.85
N TYR A 228 -11.72 -8.45 4.64
CA TYR A 228 -11.23 -7.14 5.06
C TYR A 228 -10.24 -6.55 4.04
N ALA A 229 -10.51 -5.30 3.66
CA ALA A 229 -9.50 -4.44 3.01
C ALA A 229 -8.90 -3.50 4.09
N GLU A 230 -8.15 -2.49 3.68
CA GLU A 230 -7.49 -1.58 4.60
C GLU A 230 -8.47 -1.04 5.66
N GLU A 231 -9.63 -0.53 5.21
CA GLU A 231 -10.50 0.19 6.11
C GLU A 231 -11.27 -0.77 7.06
N GLU A 232 -11.59 -1.99 6.64
CA GLU A 232 -12.25 -2.91 7.55
C GLU A 232 -11.32 -3.29 8.65
N ALA A 233 -10.06 -3.56 8.31
CA ALA A 233 -9.05 -3.80 9.34
C ALA A 233 -8.92 -2.56 10.27
N ARG A 234 -8.77 -1.39 9.67
CA ARG A 234 -8.59 -0.17 10.43
C ARG A 234 -9.74 0.06 11.40
N ASN A 235 -10.95 -0.22 10.97
CA ASN A 235 -12.06 0.17 11.85
CA ASN A 235 -12.15 0.04 11.82
C ASN A 235 -12.12 -0.75 13.10
N VAL A 236 -11.80 -2.04 12.99
CA VAL A 236 -11.68 -2.89 14.19
C VAL A 236 -10.62 -2.38 15.12
N TRP A 237 -9.49 -2.08 14.54
CA TRP A 237 -8.32 -1.56 15.26
C TRP A 237 -8.65 -0.22 15.92
N GLN A 238 -9.24 0.72 15.17
CA GLN A 238 -9.38 2.07 15.67
C GLN A 238 -10.44 2.15 16.76
N GLN A 239 -11.36 1.23 16.80
CA GLN A 239 -12.35 1.19 17.87
C GLN A 239 -11.76 0.65 19.16
N GLY A 240 -10.53 0.19 19.12
CA GLY A 240 -9.85 -0.38 20.28
C GLY A 240 -9.98 -1.88 20.40
N ASN A 241 -10.36 -2.55 19.31
CA ASN A 241 -10.65 -3.98 19.36
C ASN A 241 -9.61 -4.91 18.69
N SER A 242 -8.36 -4.45 18.54
CA SER A 242 -7.33 -5.38 18.10
C SER A 242 -6.00 -5.02 18.71
N LEU A 243 -5.32 -6.03 19.19
CA LEU A 243 -3.96 -5.83 19.76
C LEU A 243 -3.01 -5.31 18.67
N PHE A 244 -3.07 -5.99 17.54
CA PHE A 244 -2.15 -5.75 16.44
C PHE A 244 -2.94 -5.46 15.16
N MET A 245 -2.33 -4.72 14.25
CA MET A 245 -2.88 -4.57 12.90
C MET A 245 -1.74 -4.45 11.89
N ARG A 246 -1.84 -5.15 10.75
CA ARG A 246 -0.96 -4.79 9.63
C ARG A 246 -1.68 -3.79 8.78
N ASN A 247 -1.04 -2.68 8.44
CA ASN A 247 -1.61 -1.72 7.54
C ASN A 247 -0.49 -0.77 7.04
N TRP A 248 -0.91 0.25 6.34
CA TRP A 248 -0.04 1.26 5.75
C TRP A 248 0.01 2.49 6.69
N PRO A 249 1.02 3.37 6.52
CA PRO A 249 1.16 4.63 7.25
C PRO A 249 -0.06 5.51 7.42
N TYR A 250 -1.01 5.58 6.44
CA TYR A 250 -2.13 6.46 6.58
C TYR A 250 -2.92 6.24 7.86
N ALA A 251 -2.94 5.00 8.36
CA ALA A 251 -3.75 4.73 9.52
C ALA A 251 -3.30 5.41 10.79
N TYR A 252 -2.06 5.82 10.83
CA TYR A 252 -1.46 6.42 12.04
C TYR A 252 -2.13 7.76 12.37
N ALA A 253 -2.15 8.68 11.43
CA ALA A 253 -2.80 9.99 11.71
C ALA A 253 -4.26 9.81 12.10
N LEU A 254 -4.98 8.83 11.49
CA LEU A 254 -6.38 8.68 11.76
C LEU A 254 -6.55 8.15 13.19
N GLY A 255 -5.66 7.29 13.65
CA GLY A 255 -5.77 6.75 15.01
C GLY A 255 -5.38 7.77 16.06
N GLN A 256 -4.63 8.78 15.67
CA GLN A 256 -4.27 9.89 16.59
C GLN A 256 -5.25 11.01 16.61
N ALA A 257 -6.28 11.00 15.78
CA ALA A 257 -7.18 12.12 15.68
C ALA A 257 -8.02 12.25 16.99
N GLU A 258 -8.45 13.49 17.26
CA GLU A 258 -9.24 13.75 18.45
C GLU A 258 -10.48 12.96 18.31
N GLY A 259 -10.89 12.26 19.35
CA GLY A 259 -12.06 11.42 19.25
C GLY A 259 -11.78 9.95 18.87
N SER A 260 -10.56 9.64 18.42
CA SER A 260 -10.18 8.26 18.27
C SER A 260 -10.06 7.59 19.62
N PRO A 261 -10.69 6.42 19.78
CA PRO A 261 -10.57 5.64 21.01
C PRO A 261 -9.18 5.22 21.36
N ILE A 262 -8.29 5.14 20.36
CA ILE A 262 -6.95 4.66 20.59
C ILE A 262 -5.87 5.72 20.53
N ARG A 263 -6.25 7.00 20.50
CA ARG A 263 -5.28 8.11 20.51
C ARG A 263 -4.32 7.96 21.65
N GLY A 264 -3.04 7.98 21.31
CA GLY A 264 -1.93 7.90 22.26
C GLY A 264 -1.64 6.54 22.83
N LYS A 265 -2.31 5.49 22.30
CA LYS A 265 -2.19 4.15 22.84
C LYS A 265 -1.43 3.16 21.94
N PHE A 266 -0.84 3.64 20.87
CA PHE A 266 -0.21 2.70 19.94
C PHE A 266 1.12 3.16 19.39
N GLY A 267 1.88 2.21 18.90
CA GLY A 267 3.08 2.53 18.15
C GLY A 267 3.12 1.71 16.89
N VAL A 268 4.17 1.89 16.14
CA VAL A 268 4.39 1.14 14.92
C VAL A 268 5.81 0.57 14.86
N THR A 269 5.98 -0.55 14.18
CA THR A 269 7.28 -1.18 14.01
C THR A 269 7.28 -2.05 12.79
N VAL A 270 8.41 -2.62 12.45
CA VAL A 270 8.50 -3.50 11.33
C VAL A 270 7.64 -4.74 11.62
N LEU A 271 7.07 -5.34 10.56
CA LEU A 271 6.32 -6.56 10.75
C LEU A 271 7.26 -7.66 11.26
N PRO A 272 6.71 -8.65 11.93
CA PRO A 272 7.52 -9.78 12.41
C PRO A 272 7.98 -10.67 11.29
N LYS A 273 8.92 -11.55 11.61
CA LYS A 273 9.38 -12.51 10.66
C LYS A 273 9.56 -13.89 11.30
N ALA A 274 9.85 -14.89 10.48
CA ALA A 274 9.75 -16.28 10.98
C ALA A 274 10.86 -16.52 11.96
N SER A 275 12.02 -15.99 11.65
CA SER A 275 13.21 -16.19 12.49
C SER A 275 14.17 -15.05 12.31
N ALA A 276 15.14 -14.96 13.23
CA ALA A 276 16.03 -13.85 13.21
C ALA A 276 16.81 -13.76 11.87
N ASP A 277 17.04 -14.85 11.16
CA ASP A 277 17.77 -14.68 9.88
C ASP A 277 16.92 -14.56 8.59
N ALA A 278 15.59 -14.60 8.74
CA ALA A 278 14.72 -14.23 7.61
C ALA A 278 14.84 -12.75 7.31
N PRO A 279 14.44 -12.32 6.10
CA PRO A 279 14.49 -10.87 5.88
C PRO A 279 13.26 -10.20 6.43
N ASN A 280 13.42 -8.99 6.89
CA ASN A 280 12.29 -8.10 7.22
C ASN A 280 11.47 -7.94 5.96
N ALA A 281 10.16 -7.97 6.14
CA ALA A 281 9.26 -7.72 5.04
C ALA A 281 8.34 -6.52 5.27
N ALA A 282 8.33 -5.62 4.30
CA ALA A 282 7.42 -4.50 4.22
C ALA A 282 7.10 -4.33 2.76
N THR A 283 5.87 -4.59 2.35
CA THR A 283 5.63 -4.49 0.90
C THR A 283 5.67 -3.05 0.45
N LEU A 284 6.38 -2.76 -0.63
CA LEU A 284 6.43 -1.42 -1.17
C LEU A 284 5.07 -1.04 -1.81
N GLY A 285 4.56 0.12 -1.45
CA GLY A 285 3.35 0.68 -2.04
C GLY A 285 3.60 2.09 -2.50
N GLY A 286 2.52 2.75 -2.78
CA GLY A 286 2.55 4.19 -3.04
C GLY A 286 1.85 4.63 -4.27
N ALA A 287 1.88 5.92 -4.51
CA ALA A 287 1.09 6.54 -5.59
C ALA A 287 1.97 7.50 -6.36
N GLN A 288 1.63 7.59 -7.65
CA GLN A 288 2.29 8.47 -8.57
C GLN A 288 1.25 9.29 -9.28
N LEU A 289 1.71 10.39 -9.91
CA LEU A 289 0.79 11.28 -10.61
C LEU A 289 1.03 11.33 -12.10
N MET A 290 0.02 10.92 -12.89
CA MET A 290 0.15 10.74 -14.33
C MET A 290 -0.72 11.80 -15.05
N VAL A 291 -0.15 12.43 -16.06
CA VAL A 291 -0.94 13.23 -16.98
C VAL A 291 -1.46 12.31 -18.05
N SER A 292 -2.75 12.38 -18.36
CA SER A 292 -3.27 11.54 -19.39
C SER A 292 -2.70 11.87 -20.79
N ALA A 293 -2.38 10.81 -21.52
CA ALA A 293 -2.00 10.93 -22.94
C ALA A 293 -3.15 11.54 -23.74
N TYR A 294 -4.35 11.47 -23.19
CA TYR A 294 -5.55 11.92 -23.89
C TYR A 294 -6.04 13.26 -23.36
N SER A 295 -5.29 13.87 -22.45
CA SER A 295 -5.65 15.21 -21.97
C SER A 295 -5.50 16.24 -23.12
N ARG A 296 -6.50 17.07 -23.24
CA ARG A 296 -6.42 18.21 -24.18
C ARG A 296 -5.60 19.35 -23.62
N TYR A 297 -5.21 19.31 -22.32
CA TYR A 297 -4.57 20.42 -21.63
C TYR A 297 -3.25 19.96 -20.94
N PRO A 298 -2.31 19.41 -21.74
CA PRO A 298 -1.10 18.87 -21.13
C PRO A 298 -0.29 19.82 -20.35
N LYS A 299 -0.18 21.08 -20.83
CA LYS A 299 0.58 22.04 -20.09
C LYS A 299 0.02 22.32 -18.70
N GLU A 300 -1.27 22.55 -18.60
CA GLU A 300 -1.92 22.86 -17.37
C GLU A 300 -1.91 21.62 -16.46
N ALA A 301 -2.12 20.48 -17.07
CA ALA A 301 -2.14 19.24 -16.27
C ALA A 301 -0.75 18.93 -15.65
N VAL A 302 0.29 19.17 -16.40
CA VAL A 302 1.68 19.07 -15.90
C VAL A 302 1.90 20.02 -14.75
N ASP A 303 1.48 21.25 -14.89
CA ASP A 303 1.62 22.21 -13.82
CA ASP A 303 1.59 22.22 -13.81
C ASP A 303 0.92 21.72 -12.52
N LEU A 304 -0.28 21.17 -12.66
CA LEU A 304 -0.99 20.61 -11.51
C LEU A 304 -0.20 19.45 -10.91
N VAL A 305 0.28 18.53 -11.75
CA VAL A 305 1.04 17.42 -11.22
C VAL A 305 2.30 17.85 -10.50
N LYS A 306 3.02 18.82 -11.05
CA LYS A 306 4.17 19.38 -10.32
C LYS A 306 3.82 20.02 -8.98
N TYR A 307 2.68 20.66 -8.93
CA TYR A 307 2.19 21.23 -7.69
C TYR A 307 1.86 20.15 -6.66
N LEU A 308 1.13 19.14 -7.10
CA LEU A 308 0.76 18.09 -6.15
C LEU A 308 1.98 17.32 -5.62
N ALA A 309 3.01 17.18 -6.46
CA ALA A 309 4.23 16.49 -6.07
C ALA A 309 5.26 17.39 -5.36
N SER A 310 4.93 18.65 -5.17
CA SER A 310 5.85 19.64 -4.57
C SER A 310 6.13 19.40 -3.10
N TYR A 311 7.21 20.05 -2.63
CA TYR A 311 7.58 19.93 -1.24
C TYR A 311 6.45 20.23 -0.30
N GLU A 312 5.80 21.39 -0.47
CA GLU A 312 4.78 21.78 0.53
CA GLU A 312 4.74 21.86 0.39
C GLU A 312 3.53 20.91 0.48
N VAL A 313 3.13 20.39 -0.70
CA VAL A 313 1.98 19.50 -0.73
C VAL A 313 2.33 18.14 -0.09
N GLN A 314 3.48 17.57 -0.44
CA GLN A 314 3.94 16.34 0.23
C GLN A 314 4.11 16.55 1.76
N LYS A 315 4.57 17.74 2.16
CA LYS A 315 4.66 17.99 3.57
C LYS A 315 3.31 17.91 4.25
N ASP A 316 2.31 18.50 3.63
CA ASP A 316 0.94 18.52 4.19
C ASP A 316 0.40 17.10 4.26
N ASN A 317 0.70 16.30 3.25
CA ASN A 317 0.30 14.87 3.25
C ASN A 317 0.96 14.16 4.45
N ALA A 318 2.25 14.43 4.70
CA ALA A 318 2.98 13.85 5.78
C ALA A 318 2.41 14.26 7.19
N VAL A 319 2.27 15.58 7.34
CA VAL A 319 1.83 16.14 8.62
C VAL A 319 0.41 15.81 8.96
N ARG A 320 -0.49 16.00 7.99
CA ARG A 320 -1.92 15.79 8.29
C ARG A 320 -2.45 14.36 8.08
N LEU A 321 -1.86 13.66 7.12
CA LEU A 321 -2.31 12.29 6.75
C LEU A 321 -1.30 11.19 7.03
N SER A 322 -0.14 11.50 7.64
CA SER A 322 0.89 10.55 7.97
C SER A 322 1.26 9.63 6.79
N ARG A 323 1.29 10.22 5.61
CA ARG A 323 1.74 9.49 4.40
C ARG A 323 3.14 9.88 3.99
N LEU A 324 3.87 8.89 3.51
CA LEU A 324 5.32 8.95 3.36
C LEU A 324 5.74 9.75 2.13
N PRO A 325 6.56 10.80 2.31
CA PRO A 325 7.08 11.53 1.17
C PRO A 325 7.91 10.72 0.20
N THR A 326 7.93 11.20 -1.04
CA THR A 326 8.83 10.67 -2.04
C THR A 326 10.06 11.57 -2.26
N ARG A 327 10.24 12.53 -1.38
CA ARG A 327 11.39 13.48 -1.43
C ARG A 327 12.20 13.22 -0.20
N PRO A 328 13.45 12.81 -0.36
CA PRO A 328 14.28 12.61 0.82
C PRO A 328 14.40 13.80 1.75
N ALA A 329 14.37 14.98 1.20
CA ALA A 329 14.52 16.19 2.04
C ALA A 329 13.45 16.29 3.11
N LEU A 330 12.23 15.75 2.84
CA LEU A 330 11.23 15.85 3.83
C LEU A 330 11.44 15.00 5.06
N TYR A 331 12.28 13.95 4.98
CA TYR A 331 12.51 13.07 6.09
C TYR A 331 13.47 13.76 7.11
N THR A 332 14.01 14.91 6.78
CA THR A 332 14.83 15.66 7.73
C THR A 332 14.15 16.96 8.12
N ASP A 333 12.95 17.23 7.64
CA ASP A 333 12.18 18.41 8.00
C ASP A 333 11.68 18.35 9.42
N ARG A 334 11.96 19.41 10.21
CA ARG A 334 11.65 19.34 11.63
C ARG A 334 10.18 19.14 11.94
N ASP A 335 9.29 19.71 11.12
CA ASP A 335 7.87 19.63 11.37
C ASP A 335 7.30 18.23 11.00
N VAL A 336 7.80 17.69 9.89
CA VAL A 336 7.43 16.29 9.52
C VAL A 336 7.84 15.33 10.64
N LEU A 337 9.08 15.50 11.16
CA LEU A 337 9.59 14.56 12.14
C LEU A 337 8.97 14.76 13.53
N ALA A 338 8.63 15.99 13.89
CA ALA A 338 8.03 16.19 15.19
C ALA A 338 6.64 15.55 15.26
N ARG A 339 5.90 15.66 14.14
CA ARG A 339 4.60 15.05 14.03
C ARG A 339 4.64 13.54 13.93
N ASN A 340 5.59 13.00 13.16
CA ASN A 340 5.72 11.57 12.87
C ASN A 340 7.16 11.11 13.14
N PRO A 341 7.54 10.96 14.40
CA PRO A 341 8.91 10.60 14.71
C PRO A 341 9.30 9.25 14.14
N TRP A 342 8.30 8.38 14.01
CA TRP A 342 8.49 7.08 13.43
C TRP A 342 8.90 7.07 11.99
N PHE A 343 8.72 8.19 11.27
CA PHE A 343 9.25 8.32 9.93
C PHE A 343 10.79 8.11 9.96
N ARG A 344 11.43 8.64 11.00
CA ARG A 344 12.86 8.46 11.15
C ARG A 344 13.17 7.03 11.61
N ASP A 345 12.46 6.55 12.63
CA ASP A 345 12.72 5.24 13.23
C ASP A 345 12.62 4.14 12.15
N LEU A 346 11.64 4.25 11.25
CA LEU A 346 11.37 3.21 10.31
C LEU A 346 11.88 3.49 8.94
N LEU A 347 12.65 4.54 8.76
CA LEU A 347 13.19 4.84 7.45
C LEU A 347 13.91 3.66 6.81
N PRO A 348 14.72 2.91 7.54
CA PRO A 348 15.40 1.80 6.88
C PRO A 348 14.41 0.69 6.43
N VAL A 349 13.29 0.58 7.13
CA VAL A 349 12.22 -0.37 6.74
C VAL A 349 11.61 0.10 5.42
N PHE A 350 11.40 1.38 5.28
CA PHE A 350 10.81 1.91 4.08
C PHE A 350 11.82 1.76 2.92
N GLN A 351 13.12 2.00 3.20
CA GLN A 351 14.17 1.89 2.18
C GLN A 351 14.34 0.45 1.67
N ASN A 352 14.10 -0.54 2.51
CA ASN A 352 14.27 -1.94 2.17
C ASN A 352 12.96 -2.63 1.86
N ALA A 353 11.90 -1.86 1.63
CA ALA A 353 10.64 -2.47 1.30
C ALA A 353 10.75 -3.41 0.12
N VAL A 354 10.02 -4.50 0.18
CA VAL A 354 10.04 -5.51 -0.84
C VAL A 354 8.97 -5.23 -1.89
N SER A 355 9.33 -5.21 -3.15
CA SER A 355 8.36 -4.96 -4.21
CA SER A 355 8.38 -4.96 -4.26
C SER A 355 7.63 -6.19 -4.66
N ARG A 356 6.32 -5.99 -4.94
CA ARG A 356 5.54 -6.97 -5.71
C ARG A 356 6.19 -7.10 -7.13
N PRO A 357 5.80 -8.15 -7.89
CA PRO A 357 6.51 -8.44 -9.14
C PRO A 357 5.99 -7.61 -10.35
N SER A 358 5.75 -6.33 -10.13
CA SER A 358 5.21 -5.48 -11.18
C SER A 358 6.28 -5.14 -12.24
N ASP A 359 7.53 -5.00 -11.86
CA ASP A 359 8.56 -4.76 -12.92
C ASP A 359 8.67 -5.98 -13.83
N VAL A 360 8.81 -7.17 -13.25
CA VAL A 360 9.04 -8.38 -14.06
C VAL A 360 7.82 -8.82 -14.84
N ALA A 361 6.61 -8.63 -14.28
CA ALA A 361 5.35 -8.96 -14.97
C ALA A 361 4.88 -7.92 -15.95
N GLY A 362 5.38 -6.70 -15.81
CA GLY A 362 5.03 -5.58 -16.67
C GLY A 362 3.55 -5.39 -16.85
N ALA A 363 3.12 -5.32 -18.13
CA ALA A 363 1.71 -5.12 -18.41
C ALA A 363 0.83 -6.28 -18.00
N ARG A 364 1.40 -7.46 -17.67
CA ARG A 364 0.66 -8.58 -17.20
C ARG A 364 0.54 -8.64 -15.67
N TYR A 365 1.01 -7.59 -14.99
CA TYR A 365 1.02 -7.66 -13.51
C TYR A 365 -0.35 -7.86 -12.91
N ASN A 366 -1.37 -7.17 -13.43
CA ASN A 366 -2.64 -7.39 -12.80
C ASN A 366 -3.16 -8.83 -12.89
N GLN A 367 -2.92 -9.52 -14.03
CA GLN A 367 -3.25 -10.94 -14.08
C GLN A 367 -2.45 -11.79 -13.06
N VAL A 368 -1.16 -11.51 -12.94
CA VAL A 368 -0.34 -12.24 -11.96
C VAL A 368 -0.88 -12.05 -10.53
N SER A 369 -1.16 -10.79 -10.21
CA SER A 369 -1.65 -10.48 -8.89
C SER A 369 -3.01 -11.17 -8.59
N GLU A 370 -3.93 -11.13 -9.54
CA GLU A 370 -5.17 -11.83 -9.36
C GLU A 370 -4.97 -13.33 -9.08
N ALA A 371 -4.00 -13.96 -9.76
CA ALA A 371 -3.69 -15.33 -9.45
C ALA A 371 -3.19 -15.46 -8.03
N ILE A 372 -2.25 -14.59 -7.64
CA ILE A 372 -1.71 -14.60 -6.27
C ILE A 372 -2.82 -14.45 -5.23
N TRP A 373 -3.67 -13.44 -5.38
CA TRP A 373 -4.59 -13.20 -4.28
C TRP A 373 -5.67 -14.31 -4.24
N THR A 374 -6.02 -14.84 -5.40
CA THR A 374 -7.04 -15.91 -5.40
C THR A 374 -6.50 -17.20 -4.78
N GLU A 375 -5.27 -17.57 -5.07
CA GLU A 375 -4.68 -18.75 -4.46
C GLU A 375 -4.40 -18.58 -2.97
N VAL A 376 -3.89 -17.42 -2.60
CA VAL A 376 -3.71 -17.13 -1.20
C VAL A 376 -5.07 -17.12 -0.45
N HIS A 377 -6.09 -16.48 -1.04
CA HIS A 377 -7.39 -16.44 -0.42
C HIS A 377 -7.90 -17.85 -0.17
N SER A 378 -7.61 -18.75 -1.09
CA SER A 378 -8.09 -20.16 -0.93
C SER A 378 -7.47 -20.85 0.24
N VAL A 379 -6.27 -20.42 0.67
CA VAL A 379 -5.68 -20.90 1.89
C VAL A 379 -6.36 -20.25 3.09
N LEU A 380 -6.54 -18.94 3.07
CA LEU A 380 -7.19 -18.27 4.17
C LEU A 380 -8.57 -18.86 4.47
N THR A 381 -9.30 -19.19 3.42
CA THR A 381 -10.70 -19.65 3.58
C THR A 381 -10.74 -21.11 3.98
N GLY A 382 -9.60 -21.78 4.05
CA GLY A 382 -9.57 -23.21 4.33
C GLY A 382 -9.79 -24.10 3.14
N ARG A 383 -10.00 -23.58 1.93
CA ARG A 383 -10.29 -24.45 0.79
C ARG A 383 -9.12 -25.33 0.40
N LYS A 384 -7.92 -24.78 0.47
CA LYS A 384 -6.65 -25.46 0.13
C LYS A 384 -5.63 -25.31 1.18
N LYS A 385 -4.73 -26.25 1.32
CA LYS A 385 -3.57 -26.08 2.14
C LYS A 385 -2.51 -25.27 1.39
N GLY A 386 -1.56 -24.71 2.14
CA GLY A 386 -0.54 -23.91 1.49
C GLY A 386 0.30 -24.64 0.46
N GLU A 387 0.59 -25.93 0.71
CA GLU A 387 1.38 -26.73 -0.24
C GLU A 387 0.71 -26.84 -1.56
N GLN A 388 -0.60 -27.13 -1.56
CA GLN A 388 -1.34 -27.21 -2.81
C GLN A 388 -1.49 -25.85 -3.46
N ALA A 389 -1.74 -24.79 -2.67
CA ALA A 389 -1.91 -23.46 -3.22
C ALA A 389 -0.66 -22.94 -3.90
N VAL A 390 0.52 -23.19 -3.32
CA VAL A 390 1.74 -22.65 -4.00
C VAL A 390 2.09 -23.41 -5.27
N ARG A 391 1.76 -24.72 -5.30
CA ARG A 391 1.88 -25.46 -6.52
C ARG A 391 0.95 -24.97 -7.62
N ASP A 392 -0.31 -24.75 -7.25
CA ASP A 392 -1.31 -24.29 -8.17
C ASP A 392 -0.96 -22.88 -8.63
N LEU A 393 -0.49 -22.05 -7.71
CA LEU A 393 -0.09 -20.70 -8.07
C LEU A 393 1.07 -20.65 -9.07
N GLU A 394 2.06 -21.50 -8.80
CA GLU A 394 3.18 -21.65 -9.74
C GLU A 394 2.67 -21.95 -11.12
N ALA A 395 1.75 -22.90 -11.20
CA ALA A 395 1.23 -23.28 -12.52
C ALA A 395 0.47 -22.17 -13.18
N ARG A 396 -0.34 -21.46 -12.40
CA ARG A 396 -1.06 -20.33 -12.96
C ARG A 396 -0.18 -19.21 -13.48
N ILE A 397 0.85 -18.84 -12.67
CA ILE A 397 1.72 -17.78 -13.07
C ILE A 397 2.56 -18.21 -14.29
N ARG A 398 2.94 -19.48 -14.34
CA ARG A 398 3.68 -19.96 -15.50
C ARG A 398 2.86 -19.76 -16.77
N ARG A 399 1.56 -20.04 -16.69
CA ARG A 399 0.70 -19.83 -17.88
C ARG A 399 0.60 -18.37 -18.23
N ILE A 400 0.42 -17.53 -17.19
CA ILE A 400 0.31 -16.09 -17.43
C ILE A 400 1.51 -15.50 -18.03
N LEU A 401 2.71 -15.90 -17.61
CA LEU A 401 3.91 -15.22 -18.01
C LEU A 401 4.64 -15.95 -19.15
N ARG A 402 4.06 -17.02 -19.63
CA ARG A 402 4.67 -17.80 -20.72
C ARG A 402 4.75 -16.81 -21.91
N HIS A 403 5.90 -16.71 -22.45
CA HIS A 403 6.12 -15.83 -23.61
C HIS A 403 6.27 -14.39 -23.22
N HIS A 404 6.14 -14.06 -21.95
CA HIS A 404 6.48 -12.72 -21.52
C HIS A 404 8.01 -12.60 -21.15
N HIS A 405 8.73 -11.61 -21.69
CA HIS A 405 10.12 -11.30 -21.17
C HIS A 405 10.22 -9.82 -20.77
N HIS A 406 10.96 -9.51 -19.68
CA HIS A 406 11.14 -8.12 -19.16
C HIS A 406 12.34 -7.49 -19.86
C1 GLC B . -5.13 4.99 0.23
C2 GLC B . -3.99 4.70 1.20
C3 GLC B . -2.94 3.86 0.54
C4 GLC B . -3.57 2.60 0.01
C5 GLC B . -4.83 2.79 -0.73
C6 GLC B . -5.58 1.43 -0.52
O1 GLC B . -4.76 5.69 -0.90
O2 GLC B . -3.42 5.98 1.65
O3 GLC B . -2.01 3.49 1.55
O4 GLC B . -2.72 1.98 -0.99
O5 GLC B . -5.73 3.73 -0.12
O6 GLC B . -6.70 1.42 -1.27
C1 GLC B . -1.87 0.95 -0.49
C2 GLC B . -0.56 1.00 -1.33
C3 GLC B . -0.81 0.49 -2.71
C4 GLC B . -1.38 -0.95 -2.69
C5 GLC B . -2.69 -0.89 -1.90
C6 GLC B . -3.21 -2.30 -1.68
O2 GLC B . -0.08 2.33 -1.47
O3 GLC B . 0.48 0.46 -3.44
O4 GLC B . -1.59 -1.48 -3.99
O5 GLC B . -2.49 -0.36 -0.60
O6 GLC B . -4.58 -2.30 -1.20
C1 CIT C . 4.75 -5.58 -21.41
O1 CIT C . 5.20 -4.59 -22.01
O2 CIT C . 4.99 -5.99 -20.21
C2 CIT C . 3.74 -6.32 -22.21
C3 CIT C . 4.34 -6.69 -23.53
O7 CIT C . 5.66 -7.19 -23.27
C4 CIT C . 3.46 -7.74 -24.16
C5 CIT C . 3.34 -8.99 -23.27
O3 CIT C . 2.40 -9.09 -22.44
O4 CIT C . 4.17 -9.91 -23.47
C6 CIT C . 4.31 -5.58 -24.55
O5 CIT C . 3.27 -4.84 -24.65
O6 CIT C . 5.35 -5.46 -25.26
C1 GOL D . 4.05 17.71 16.52
O1 GOL D . 3.33 18.30 15.44
C2 GOL D . 3.49 18.37 17.74
O2 GOL D . 3.68 19.79 17.65
C3 GOL D . 4.17 17.84 18.97
O3 GOL D . 3.29 16.88 19.56
C1 EDO E . 8.14 20.46 -23.26
O1 EDO E . 7.90 21.72 -22.64
C2 EDO E . 7.11 20.15 -24.35
O2 EDO E . 7.48 18.87 -24.93
C1 EDO F . -8.32 16.43 7.03
O1 EDO F . -7.14 15.85 7.59
C2 EDO F . -8.05 16.72 5.56
O2 EDO F . -8.87 15.92 4.70
C CO2 G . 15.46 -18.18 6.10
O1 CO2 G . 15.99 -17.20 6.27
O2 CO2 G . 14.94 -19.14 5.79
#